data_4EP3
#
_entry.id   4EP3
#
_cell.length_a   51.046
_cell.length_b   58.935
_cell.length_c   61.451
_cell.angle_alpha   90.000
_cell.angle_beta   90.000
_cell.angle_gamma   90.000
#
_symmetry.space_group_name_H-M   'P 21 21 21'
#
loop_
_entity.id
_entity.type
_entity.pdbx_description
1 polymer 'protease, tethered dimer'
2 polymer 'substrate CA-p2'
3 non-polymer GLYCEROL
4 non-polymer BETA-MERCAPTOETHANOL
5 water water
#
loop_
_entity_poly.entity_id
_entity_poly.type
_entity_poly.pdbx_seq_one_letter_code
_entity_poly.pdbx_strand_id
1 'polypeptide(L)'
;PQITLWKRPLVTIRIGGQLKEALLNTGADDTVLEEMNLPGKWKPKMIGGIGGFIKVRQYDQIPVEILGHKAIGTVLVGPT
PVNIIGRNLLTQIGMTLNFGGSSGPQITLWKRPLVTIRIGGQLKEALLNTGADDTVLEEMNLPGKWKPKMIGGIGGFIKV
RQYDQIPVEILGHKAIGTVLVGPTPVNIIGRNLLTQIGMTLNF
;
A
2 'polypeptide(L)' KARVLAEAM E
#
loop_
_chem_comp.id
_chem_comp.type
_chem_comp.name
_chem_comp.formula
BME non-polymer BETA-MERCAPTOETHANOL 'C2 H6 O S'
GOL non-polymer GLYCEROL 'C3 H8 O3'
#
# COMPACT_ATOMS: atom_id res chain seq x y z
N PRO A 1 9.39 18.28 3.54
CA PRO A 1 7.96 18.30 3.21
C PRO A 1 7.22 17.08 3.78
N GLN A 2 5.96 17.28 4.15
CA GLN A 2 5.18 16.27 4.86
C GLN A 2 3.86 16.03 4.14
N ILE A 3 3.46 14.75 4.00
CA ILE A 3 2.23 14.36 3.29
C ILE A 3 1.35 13.63 4.28
N THR A 4 0.18 14.19 4.57
CA THR A 4 -0.76 13.56 5.47
C THR A 4 -1.59 12.55 4.68
N LEU A 5 -2.38 11.75 5.41
CA LEU A 5 -2.99 10.53 4.82
C LEU A 5 -4.52 10.52 4.88
N TRP A 6 -5.11 11.68 5.16
N TRP A 6 -5.12 11.68 5.16
CA TRP A 6 -6.55 11.80 5.16
CA TRP A 6 -6.56 11.83 5.11
C TRP A 6 -7.10 11.59 3.76
C TRP A 6 -7.08 11.51 3.74
N LYS A 7 -6.28 11.84 2.73
CA LYS A 7 -6.60 11.51 1.34
C LYS A 7 -5.54 10.55 0.76
N ARG A 8 -5.84 9.92 -0.37
CA ARG A 8 -4.82 9.07 -1.01
C ARG A 8 -3.60 9.93 -1.39
N PRO A 9 -2.39 9.42 -1.07
CA PRO A 9 -1.16 10.19 -1.35
C PRO A 9 -0.73 10.08 -2.82
N LEU A 10 -1.44 10.82 -3.64
CA LEU A 10 -1.26 10.85 -5.08
C LEU A 10 -0.31 11.97 -5.46
N VAL A 11 0.60 11.68 -6.38
CA VAL A 11 1.58 12.65 -6.85
C VAL A 11 1.75 12.51 -8.35
N THR A 12 2.22 13.58 -8.98
CA THR A 12 2.57 13.53 -10.38
C THR A 12 4.01 13.04 -10.49
N ILE A 13 4.22 12.05 -11.37
CA ILE A 13 5.54 11.55 -11.67
C ILE A 13 5.83 11.86 -13.14
N ARG A 14 7.11 11.93 -13.49
CA ARG A 14 7.54 12.05 -14.88
C ARG A 14 8.31 10.78 -15.21
N ILE A 15 7.92 10.11 -16.30
CA ILE A 15 8.55 8.84 -16.69
C ILE A 15 8.53 8.66 -18.20
N GLY A 16 9.67 8.31 -18.78
CA GLY A 16 9.79 8.14 -20.23
C GLY A 16 9.42 9.38 -21.02
N GLY A 17 9.54 10.55 -20.37
CA GLY A 17 9.07 11.82 -20.93
C GLY A 17 7.61 12.21 -20.68
N GLN A 18 6.83 11.37 -19.98
CA GLN A 18 5.38 11.61 -19.79
C GLN A 18 5.00 11.85 -18.33
N LEU A 19 3.97 12.66 -18.11
CA LEU A 19 3.47 12.87 -16.74
C LEU A 19 2.37 11.86 -16.41
N LYS A 20 2.40 11.34 -15.19
CA LYS A 20 1.38 10.44 -14.72
C LYS A 20 1.12 10.68 -13.24
N GLU A 21 -0.09 10.33 -12.79
CA GLU A 21 -0.44 10.34 -11.38
C GLU A 21 -0.17 8.96 -10.80
N ALA A 22 0.45 8.92 -9.63
CA ALA A 22 0.73 7.64 -9.00
C ALA A 22 0.57 7.77 -7.49
N LEU A 23 0.29 6.63 -6.86
CA LEU A 23 0.05 6.57 -5.44
C LEU A 23 1.31 6.15 -4.67
N LEU A 24 1.71 6.95 -3.68
CA LEU A 24 2.85 6.60 -2.82
C LEU A 24 2.45 5.49 -1.88
N ASN A 25 3.04 4.31 -2.08
CA ASN A 25 2.52 3.08 -1.51
C ASN A 25 3.55 2.31 -0.68
N THR A 26 3.59 2.56 0.62
CA THR A 26 4.50 1.83 1.52
C THR A 26 4.18 0.33 1.63
N GLY A 27 2.97 -0.06 1.23
CA GLY A 27 2.57 -1.46 1.17
C GLY A 27 3.00 -2.28 -0.04
N ALA A 28 3.70 -1.65 -0.98
CA ALA A 28 4.20 -2.31 -2.19
C ALA A 28 5.71 -2.40 -2.18
N ASP A 29 6.23 -3.58 -2.44
CA ASP A 29 7.67 -3.73 -2.57
C ASP A 29 8.13 -3.01 -3.85
N ASP A 30 7.31 -3.07 -4.89
CA ASP A 30 7.66 -2.69 -6.25
C ASP A 30 6.79 -1.57 -6.75
N THR A 31 7.28 -0.91 -7.80
CA THR A 31 6.56 0.14 -8.52
C THR A 31 5.88 -0.47 -9.72
N VAL A 32 4.56 -0.23 -9.84
CA VAL A 32 3.73 -0.86 -10.84
C VAL A 32 2.85 0.21 -11.48
N LEU A 33 3.00 0.32 -12.80
CA LEU A 33 2.24 1.31 -13.56
C LEU A 33 1.28 0.61 -14.50
N GLU A 34 0.14 1.23 -14.73
CA GLU A 34 -0.83 0.75 -15.69
C GLU A 34 -0.21 0.62 -17.09
N GLU A 35 -0.84 -0.21 -17.92
CA GLU A 35 -0.37 -0.45 -19.27
C GLU A 35 0.15 0.82 -19.96
N MET A 36 1.39 0.76 -20.42
CA MET A 36 2.06 1.87 -21.11
C MET A 36 3.25 1.33 -21.88
N ASN A 37 3.79 2.14 -22.79
CA ASN A 37 5.01 1.78 -23.51
C ASN A 37 6.24 2.32 -22.79
N LEU A 38 7.22 1.46 -22.59
CA LEU A 38 8.53 1.90 -22.11
C LEU A 38 9.59 1.35 -23.04
N PRO A 39 10.67 2.12 -23.25
CA PRO A 39 11.75 1.65 -24.11
C PRO A 39 12.64 0.61 -23.45
N GLY A 40 13.34 -0.15 -24.28
CA GLY A 40 14.34 -1.11 -23.81
C GLY A 40 13.79 -2.51 -23.64
N LYS A 41 14.67 -3.39 -23.17
CA LYS A 41 14.31 -4.79 -22.92
C LYS A 41 13.47 -4.90 -21.65
N TRP A 42 12.66 -5.95 -21.60
CA TRP A 42 11.89 -6.28 -20.41
C TRP A 42 11.77 -7.77 -20.29
N LYS A 43 11.40 -8.22 -19.09
CA LYS A 43 11.20 -9.64 -18.79
C LYS A 43 9.83 -9.83 -18.17
N PRO A 44 9.15 -10.95 -18.48
CA PRO A 44 7.88 -11.23 -17.82
C PRO A 44 8.09 -11.65 -16.36
N LYS A 45 7.22 -11.13 -15.49
CA LYS A 45 7.28 -11.40 -14.07
C LYS A 45 5.86 -11.54 -13.55
N MET A 46 5.72 -12.11 -12.36
CA MET A 46 4.42 -12.13 -11.68
C MET A 46 4.52 -11.45 -10.34
N ILE A 47 3.50 -10.65 -10.02
CA ILE A 47 3.39 -10.05 -8.72
C ILE A 47 2.03 -10.31 -8.08
N GLY A 48 1.96 -10.17 -6.77
CA GLY A 48 0.78 -10.54 -6.02
C GLY A 48 0.29 -9.44 -5.12
N GLY A 49 -1.00 -9.48 -4.84
CA GLY A 49 -1.60 -8.61 -3.87
C GLY A 49 -2.83 -9.26 -3.26
N ILE A 50 -3.72 -8.43 -2.76
CA ILE A 50 -4.97 -8.92 -2.32
C ILE A 50 -5.66 -9.25 -3.63
N GLY A 51 -6.38 -10.34 -3.68
CA GLY A 51 -7.09 -10.72 -4.86
C GLY A 51 -6.32 -11.68 -5.71
N GLY A 52 -5.01 -11.74 -5.59
CA GLY A 52 -4.21 -12.75 -6.27
C GLY A 52 -3.04 -12.21 -7.06
N PHE A 53 -2.58 -13.00 -8.04
CA PHE A 53 -1.39 -12.64 -8.83
C PHE A 53 -1.74 -12.11 -10.21
N ILE A 54 -0.87 -11.26 -10.75
CA ILE A 54 -0.99 -10.73 -12.11
C ILE A 54 0.34 -10.79 -12.82
N LYS A 55 0.26 -10.85 -14.13
CA LYS A 55 1.44 -10.84 -14.98
C LYS A 55 1.81 -9.40 -15.32
N VAL A 56 3.12 -9.10 -15.25
CA VAL A 56 3.64 -7.78 -15.57
C VAL A 56 4.91 -7.87 -16.42
N ARG A 57 5.28 -6.74 -17.04
CA ARG A 57 6.57 -6.57 -17.71
C ARG A 57 7.51 -5.81 -16.80
N GLN A 58 8.67 -6.39 -16.53
CA GLN A 58 9.69 -5.73 -15.71
C GLN A 58 10.73 -5.02 -16.58
N TYR A 59 10.79 -3.70 -16.41
CA TYR A 59 11.79 -2.85 -17.04
C TYR A 59 12.78 -2.40 -15.96
N ASP A 60 14.07 -2.57 -16.21
CA ASP A 60 15.08 -2.20 -15.22
C ASP A 60 15.73 -0.85 -15.51
N GLN A 61 16.25 -0.23 -14.45
CA GLN A 61 17.02 1.01 -14.56
C GLN A 61 16.28 2.08 -15.36
N ILE A 62 15.00 2.25 -15.05
CA ILE A 62 14.19 3.30 -15.63
C ILE A 62 14.26 4.54 -14.75
N PRO A 63 14.58 5.70 -15.34
CA PRO A 63 14.50 6.97 -14.61
C PRO A 63 13.06 7.41 -14.36
N VAL A 64 12.76 7.78 -13.12
CA VAL A 64 11.44 8.29 -12.68
C VAL A 64 11.63 9.52 -11.77
N GLU A 65 11.02 10.66 -12.10
CA GLU A 65 11.07 11.85 -11.22
C GLU A 65 9.80 11.93 -10.38
N ILE A 66 9.96 12.05 -9.07
CA ILE A 66 8.85 11.98 -8.11
C ILE A 66 9.02 13.12 -7.12
N LEU A 67 8.05 14.02 -7.01
CA LEU A 67 8.16 15.16 -6.09
C LEU A 67 9.49 15.94 -6.22
N GLY A 68 9.96 16.12 -7.46
CA GLY A 68 11.23 16.78 -7.72
C GLY A 68 12.50 16.00 -7.33
N HIS A 69 12.36 14.68 -7.16
CA HIS A 69 13.49 13.81 -6.80
C HIS A 69 13.64 12.74 -7.85
N LYS A 70 14.87 12.54 -8.32
CA LYS A 70 15.18 11.54 -9.33
C LYS A 70 15.45 10.16 -8.71
N ALA A 71 14.73 9.17 -9.20
CA ALA A 71 15.04 7.78 -8.91
C ALA A 71 15.38 7.12 -10.22
N ILE A 72 16.14 6.03 -10.14
CA ILE A 72 16.44 5.19 -11.30
C ILE A 72 16.32 3.76 -10.81
N GLY A 73 15.29 3.07 -11.24
CA GLY A 73 15.14 1.67 -10.86
C GLY A 73 14.11 0.88 -11.63
N THR A 74 13.67 -0.22 -11.03
CA THR A 74 12.77 -1.16 -11.66
C THR A 74 11.34 -0.62 -11.68
N VAL A 75 10.74 -0.68 -12.86
CA VAL A 75 9.34 -0.30 -13.05
C VAL A 75 8.65 -1.51 -13.72
N LEU A 76 7.57 -1.96 -13.09
CA LEU A 76 6.74 -3.04 -13.63
C LEU A 76 5.53 -2.40 -14.31
N VAL A 77 5.11 -2.98 -15.43
CA VAL A 77 3.97 -2.48 -16.19
C VAL A 77 2.96 -3.60 -16.33
N GLY A 78 1.72 -3.33 -15.93
CA GLY A 78 0.69 -4.36 -15.99
C GLY A 78 -0.65 -3.88 -15.49
N PRO A 79 -1.63 -4.80 -15.39
CA PRO A 79 -3.03 -4.48 -15.05
C PRO A 79 -3.28 -4.12 -13.57
N THR A 80 -2.48 -3.19 -13.04
CA THR A 80 -2.71 -2.68 -11.72
C THR A 80 -3.90 -1.72 -11.79
N PRO A 81 -4.74 -1.68 -10.75
CA PRO A 81 -5.88 -0.74 -10.74
C PRO A 81 -5.50 0.72 -10.62
N VAL A 82 -4.31 0.95 -10.07
CA VAL A 82 -3.82 2.28 -9.76
C VAL A 82 -2.31 2.28 -9.98
N ASN A 83 -1.77 3.34 -10.58
CA ASN A 83 -0.31 3.49 -10.66
C ASN A 83 0.22 3.58 -9.22
N ILE A 84 1.22 2.74 -8.91
N ILE A 84 1.17 2.71 -8.87
CA ILE A 84 1.78 2.62 -7.57
CA ILE A 84 1.74 2.75 -7.53
C ILE A 84 3.28 2.88 -7.56
C ILE A 84 3.26 2.88 -7.54
N ILE A 85 3.75 3.76 -6.66
CA ILE A 85 5.17 3.92 -6.41
C ILE A 85 5.47 3.10 -5.12
N GLY A 86 6.23 2.01 -5.26
CA GLY A 86 6.56 1.16 -4.12
C GLY A 86 7.89 1.48 -3.49
N ARG A 87 8.25 0.69 -2.48
CA ARG A 87 9.40 0.99 -1.65
C ARG A 87 10.68 1.06 -2.44
N ASN A 88 10.81 0.28 -3.52
CA ASN A 88 12.02 0.35 -4.32
C ASN A 88 12.37 1.77 -4.77
N LEU A 89 11.37 2.58 -5.09
CA LEU A 89 11.63 3.98 -5.46
C LEU A 89 11.43 4.96 -4.32
N LEU A 90 10.50 4.67 -3.39
CA LEU A 90 10.35 5.57 -2.23
C LEU A 90 11.65 5.70 -1.43
N THR A 91 12.41 4.61 -1.29
CA THR A 91 13.68 4.64 -0.58
C THR A 91 14.68 5.54 -1.31
N GLN A 92 14.66 5.53 -2.64
CA GLN A 92 15.59 6.33 -3.42
C GLN A 92 15.37 7.82 -3.24
N ILE A 93 14.12 8.22 -3.06
CA ILE A 93 13.80 9.65 -2.91
C ILE A 93 13.81 10.10 -1.45
N GLY A 94 14.16 9.18 -0.55
CA GLY A 94 14.41 9.50 0.85
C GLY A 94 13.15 9.58 1.69
N MET A 95 12.07 8.96 1.22
CA MET A 95 10.79 8.96 1.92
C MET A 95 10.78 8.01 3.14
N THR A 96 10.18 8.48 4.23
CA THR A 96 10.05 7.70 5.45
C THR A 96 8.62 7.88 5.98
N LEU A 97 8.23 7.00 6.89
CA LEU A 97 6.97 7.14 7.63
C LEU A 97 7.31 7.78 8.98
N ASN A 98 6.52 8.76 9.39
CA ASN A 98 6.73 9.39 10.70
C ASN A 98 5.42 9.57 11.46
N PHE A 99 5.51 9.54 12.78
CA PHE A 99 4.34 9.83 13.60
C PHE A 99 4.73 10.58 14.86
N PRO A 105 8.61 9.11 16.30
CA PRO A 105 9.52 8.10 15.72
C PRO A 105 9.45 8.02 14.18
N GLN A 106 10.51 7.50 13.58
CA GLN A 106 10.63 7.44 12.14
C GLN A 106 10.84 6.00 11.68
N ILE A 107 10.10 5.62 10.64
CA ILE A 107 10.17 4.28 10.04
C ILE A 107 10.69 4.41 8.61
N THR A 108 11.91 3.92 8.35
CA THR A 108 12.45 3.86 6.99
C THR A 108 11.76 2.72 6.20
N LEU A 109 11.98 2.70 4.90
CA LEU A 109 11.25 1.82 3.99
C LEU A 109 12.18 0.85 3.26
N TRP A 110 13.35 0.63 3.85
CA TRP A 110 14.28 -0.38 3.31
C TRP A 110 13.67 -1.74 3.35
N LYS A 111 12.88 -1.98 4.39
CA LYS A 111 12.17 -3.25 4.56
C LYS A 111 10.67 -2.94 4.60
N ARG A 112 9.83 -3.95 4.47
CA ARG A 112 8.38 -3.83 4.72
C ARG A 112 8.12 -3.25 6.12
N PRO A 113 7.34 -2.16 6.19
CA PRO A 113 7.06 -1.50 7.47
C PRO A 113 6.07 -2.30 8.33
N LEU A 114 6.55 -3.39 8.92
CA LEU A 114 5.72 -4.26 9.78
C LEU A 114 5.85 -3.85 11.24
N VAL A 115 4.73 -3.82 11.94
CA VAL A 115 4.69 -3.42 13.33
C VAL A 115 3.68 -4.29 14.06
N THR A 116 3.81 -4.37 15.38
CA THR A 116 2.86 -5.13 16.19
C THR A 116 1.65 -4.27 16.44
N ILE A 117 0.48 -4.87 16.25
CA ILE A 117 -0.77 -4.26 16.69
C ILE A 117 -1.44 -5.20 17.70
N ARG A 118 -2.25 -4.62 18.57
CA ARG A 118 -3.09 -5.36 19.52
C ARG A 118 -4.54 -5.09 19.14
N ILE A 119 -5.32 -6.15 18.94
CA ILE A 119 -6.64 -5.96 18.39
C ILE A 119 -7.54 -7.07 18.91
N GLY A 120 -8.77 -6.71 19.27
CA GLY A 120 -9.71 -7.66 19.88
C GLY A 120 -9.05 -8.59 20.89
N GLY A 121 -8.11 -8.05 21.66
CA GLY A 121 -7.32 -8.82 22.63
C GLY A 121 -6.29 -9.82 22.11
N GLN A 122 -5.88 -9.69 20.84
CA GLN A 122 -4.76 -10.48 20.27
C GLN A 122 -3.68 -9.54 19.76
N LEU A 123 -2.45 -10.07 19.64
CA LEU A 123 -1.32 -9.32 19.09
C LEU A 123 -0.95 -9.90 17.73
N LYS A 124 -0.80 -9.03 16.73
CA LYS A 124 -0.50 -9.50 15.39
C LYS A 124 0.50 -8.55 14.73
N GLU A 125 1.24 -9.07 13.76
CA GLU A 125 2.12 -8.23 12.95
C GLU A 125 1.32 -7.69 11.78
N ALA A 126 1.49 -6.40 11.48
CA ALA A 126 0.75 -5.77 10.38
C ALA A 126 1.59 -4.76 9.62
N LEU A 127 1.26 -4.65 8.34
CA LEU A 127 1.93 -3.77 7.37
C LEU A 127 1.32 -2.37 7.35
N LEU A 128 2.10 -1.34 7.69
CA LEU A 128 1.67 0.04 7.53
C LEU A 128 1.60 0.42 6.05
N ASN A 129 0.40 0.66 5.54
CA ASN A 129 0.18 0.64 4.10
C ASN A 129 -0.53 1.88 3.64
N THR A 130 0.24 2.87 3.19
CA THR A 130 -0.32 4.11 2.63
C THR A 130 -1.12 3.93 1.34
N GLY A 131 -0.95 2.78 0.69
CA GLY A 131 -1.74 2.39 -0.48
C GLY A 131 -3.03 1.65 -0.20
N ALA A 132 -3.43 1.59 1.08
CA ALA A 132 -4.67 0.98 1.54
C ALA A 132 -5.58 2.04 2.13
N ASP A 133 -6.78 2.16 1.61
CA ASP A 133 -7.80 3.07 2.20
C ASP A 133 -8.27 2.56 3.56
N ASP A 134 -8.34 1.22 3.64
CA ASP A 134 -8.94 0.49 4.75
C ASP A 134 -7.95 -0.44 5.42
N THR A 135 -8.30 -0.89 6.62
CA THR A 135 -7.49 -1.81 7.42
C THR A 135 -8.08 -3.20 7.26
N VAL A 136 -7.24 -4.14 6.88
CA VAL A 136 -7.69 -5.49 6.56
C VAL A 136 -6.83 -6.48 7.32
N LEU A 137 -7.49 -7.30 8.14
CA LEU A 137 -6.80 -8.29 8.95
C LEU A 137 -7.15 -9.71 8.54
N GLU A 138 -6.21 -10.61 8.77
CA GLU A 138 -6.41 -12.01 8.54
C GLU A 138 -7.61 -12.47 9.32
N GLU A 139 -8.20 -13.56 8.83
CA GLU A 139 -9.37 -14.14 9.43
C GLU A 139 -9.23 -14.27 10.95
N MET A 140 -10.23 -13.76 11.67
CA MET A 140 -10.33 -13.88 13.11
C MET A 140 -11.81 -13.73 13.54
N ASN A 141 -12.21 -14.44 14.59
CA ASN A 141 -13.61 -14.41 15.02
C ASN A 141 -13.87 -13.33 16.05
N LEU A 142 -13.92 -12.08 15.60
CA LEU A 142 -14.20 -10.95 16.48
C LEU A 142 -15.67 -10.98 16.87
N PRO A 143 -15.99 -10.58 18.11
CA PRO A 143 -17.40 -10.46 18.47
C PRO A 143 -18.00 -9.23 17.82
N GLY A 144 -19.32 -9.20 17.77
CA GLY A 144 -20.03 -8.02 17.39
C GLY A 144 -20.65 -8.12 16.02
N LYS A 145 -21.45 -7.11 15.71
CA LYS A 145 -22.13 -6.99 14.44
C LYS A 145 -21.10 -6.74 13.35
N TRP A 146 -21.35 -7.33 12.19
CA TRP A 146 -20.55 -7.06 11.02
C TRP A 146 -21.43 -7.11 9.82
N LYS A 147 -20.93 -6.55 8.72
CA LYS A 147 -21.63 -6.60 7.45
C LYS A 147 -20.64 -6.93 6.34
N PRO A 148 -21.09 -7.68 5.33
CA PRO A 148 -20.18 -8.09 4.26
C PRO A 148 -19.82 -6.95 3.29
N LYS A 149 -18.65 -7.07 2.70
CA LYS A 149 -18.10 -6.00 1.86
C LYS A 149 -17.13 -6.65 0.88
N MET A 150 -16.96 -6.03 -0.29
CA MET A 150 -15.94 -6.45 -1.25
C MET A 150 -14.87 -5.37 -1.28
N ILE A 151 -13.60 -5.78 -1.24
CA ILE A 151 -12.49 -4.81 -1.35
C ILE A 151 -11.58 -5.28 -2.45
N GLY A 152 -11.02 -4.32 -3.18
CA GLY A 152 -10.20 -4.62 -4.33
C GLY A 152 -8.74 -4.33 -4.11
N GLY A 153 -7.90 -5.16 -4.68
CA GLY A 153 -6.49 -4.87 -4.74
C GLY A 153 -5.90 -5.29 -6.06
N ILE A 154 -4.62 -5.53 -6.02
N ILE A 154 -4.61 -5.47 -6.21
CA ILE A 154 -3.93 -5.78 -7.23
CA ILE A 154 -4.04 -6.05 -7.40
C ILE A 154 -4.55 -6.86 -8.07
C ILE A 154 -4.60 -7.46 -7.60
N GLY A 155 -4.80 -8.02 -7.52
N GLY A 155 -5.02 -7.85 -8.80
CA GLY A 155 -5.25 -9.13 -8.35
CA GLY A 155 -5.51 -9.19 -9.05
C GLY A 155 -6.75 -9.31 -8.55
C GLY A 155 -7.00 -9.31 -8.82
N GLY A 156 -7.54 -8.42 -7.98
CA GLY A 156 -9.00 -8.51 -7.92
C GLY A 156 -9.55 -8.26 -6.53
N PHE A 157 -10.73 -8.80 -6.32
CA PHE A 157 -11.50 -8.53 -5.10
C PHE A 157 -11.54 -9.72 -4.16
N ILE A 158 -11.61 -9.42 -2.87
CA ILE A 158 -11.92 -10.42 -1.87
C ILE A 158 -13.14 -9.97 -1.05
N LYS A 159 -13.88 -10.93 -0.55
CA LYS A 159 -14.98 -10.66 0.35
C LYS A 159 -14.45 -10.61 1.78
N VAL A 160 -14.89 -9.58 2.50
CA VAL A 160 -14.48 -9.34 3.87
C VAL A 160 -15.71 -9.10 4.78
N ARG A 161 -15.48 -9.19 6.08
CA ARG A 161 -16.47 -8.79 7.07
C ARG A 161 -16.04 -7.49 7.67
N GLN A 162 -16.93 -6.50 7.63
CA GLN A 162 -16.64 -5.16 8.15
C GLN A 162 -17.15 -5.02 9.61
N TYR A 163 -16.23 -4.78 10.53
CA TYR A 163 -16.56 -4.51 11.94
C TYR A 163 -16.30 -3.04 12.22
N ASP A 164 -17.26 -2.36 12.88
CA ASP A 164 -17.10 -0.95 13.20
C ASP A 164 -16.66 -0.71 14.64
N GLN A 165 -15.97 0.40 14.87
CA GLN A 165 -15.59 0.84 16.22
C GLN A 165 -14.81 -0.20 17.02
N ILE A 166 -13.77 -0.74 16.40
CA ILE A 166 -12.92 -1.75 17.04
C ILE A 166 -11.68 -1.00 17.52
N PRO A 167 -11.37 -1.07 18.83
CA PRO A 167 -10.10 -0.52 19.32
C PRO A 167 -8.89 -1.36 18.88
N VAL A 168 -7.88 -0.65 18.38
CA VAL A 168 -6.63 -1.22 17.92
C VAL A 168 -5.52 -0.33 18.51
N GLU A 169 -4.53 -0.92 19.15
CA GLU A 169 -3.35 -0.16 19.58
C GLU A 169 -2.22 -0.49 18.60
N ILE A 170 -1.58 0.56 18.10
CA ILE A 170 -0.51 0.46 17.09
C ILE A 170 0.67 1.30 17.55
N LEU A 171 1.83 0.69 17.70
CA LEU A 171 3.02 1.42 18.12
C LEU A 171 2.74 2.24 19.40
N GLY A 172 1.93 1.69 20.31
CA GLY A 172 1.60 2.39 21.55
C GLY A 172 0.61 3.55 21.43
N HIS A 173 -0.01 3.71 20.27
CA HIS A 173 -1.02 4.75 20.06
C HIS A 173 -2.36 4.09 19.93
N LYS A 174 -3.35 4.61 20.65
CA LYS A 174 -4.70 4.06 20.60
C LYS A 174 -5.41 4.52 19.33
N ALA A 175 -6.10 3.59 18.69
CA ALA A 175 -6.97 3.91 17.56
C ALA A 175 -8.30 3.19 17.76
N ILE A 176 -9.31 3.65 17.06
CA ILE A 176 -10.63 3.01 17.11
C ILE A 176 -11.31 3.28 15.78
N GLY A 177 -11.73 2.21 15.12
CA GLY A 177 -12.36 2.38 13.84
C GLY A 177 -12.73 1.10 13.15
N THR A 178 -12.94 1.21 11.84
CA THR A 178 -13.42 0.09 11.06
C THR A 178 -12.29 -0.86 10.73
N VAL A 179 -12.51 -2.15 11.00
CA VAL A 179 -11.55 -3.18 10.66
C VAL A 179 -12.29 -4.18 9.76
N LEU A 180 -11.65 -4.53 8.64
CA LEU A 180 -12.19 -5.49 7.71
C LEU A 180 -11.44 -6.80 7.97
N VAL A 181 -12.15 -7.92 7.96
CA VAL A 181 -11.54 -9.20 8.26
C VAL A 181 -11.83 -10.15 7.10
N GLY A 182 -10.79 -10.77 6.57
CA GLY A 182 -10.96 -11.69 5.46
C GLY A 182 -9.67 -12.33 5.01
N PRO A 183 -9.70 -13.04 3.89
CA PRO A 183 -8.56 -13.85 3.47
C PRO A 183 -7.49 -13.00 2.77
N THR A 184 -6.91 -12.08 3.54
CA THR A 184 -5.77 -11.30 3.08
C THR A 184 -4.47 -12.07 3.32
N PRO A 185 -3.54 -11.99 2.35
CA PRO A 185 -2.24 -12.61 2.51
C PRO A 185 -1.33 -11.94 3.53
N VAL A 186 -1.68 -10.72 3.96
CA VAL A 186 -0.93 -10.01 5.01
C VAL A 186 -1.88 -9.07 5.74
N ASN A 187 -1.67 -8.90 7.05
CA ASN A 187 -2.46 -7.96 7.83
C ASN A 187 -2.03 -6.53 7.44
N ILE A 188 -3.02 -5.68 7.16
CA ILE A 188 -2.77 -4.35 6.60
C ILE A 188 -3.40 -3.28 7.47
N ILE A 189 -2.59 -2.27 7.83
CA ILE A 189 -3.07 -1.07 8.50
C ILE A 189 -3.18 0.00 7.42
N GLY A 190 -4.41 0.46 7.20
CA GLY A 190 -4.68 1.39 6.13
C GLY A 190 -4.86 2.79 6.70
N ARG A 191 -5.15 3.71 5.79
CA ARG A 191 -5.16 5.14 6.12
C ARG A 191 -6.19 5.49 7.18
N ASN A 192 -7.31 4.78 7.22
CA ASN A 192 -8.30 5.02 8.26
C ASN A 192 -7.71 5.01 9.67
N LEU A 193 -6.77 4.10 9.94
CA LEU A 193 -6.11 4.04 11.24
C LEU A 193 -4.77 4.80 11.27
N LEU A 194 -4.04 4.87 10.15
CA LEU A 194 -2.77 5.64 10.09
C LEU A 194 -2.99 7.12 10.44
N THR A 195 -4.10 7.68 9.97
CA THR A 195 -4.42 9.08 10.28
C THR A 195 -4.67 9.29 11.75
N GLN A 196 -5.29 8.30 12.41
CA GLN A 196 -5.61 8.37 13.84
C GLN A 196 -4.39 8.33 14.76
N ILE A 197 -3.33 7.64 14.33
CA ILE A 197 -2.11 7.58 15.14
C ILE A 197 -1.11 8.67 14.72
N GLY A 198 -1.50 9.49 13.74
CA GLY A 198 -0.75 10.68 13.36
C GLY A 198 0.43 10.40 12.45
N MET A 199 0.31 9.34 11.65
CA MET A 199 1.39 8.97 10.76
C MET A 199 1.35 9.82 9.50
N THR A 200 2.51 10.22 9.02
CA THR A 200 2.66 10.97 7.78
C THR A 200 3.80 10.39 6.98
N LEU A 201 3.85 10.76 5.70
CA LEU A 201 4.97 10.44 4.82
C LEU A 201 5.83 11.69 4.77
N ASN A 202 7.14 11.52 4.88
CA ASN A 202 8.06 12.68 4.90
C ASN A 202 9.25 12.41 4.01
N PHE A 203 9.79 13.47 3.43
CA PHE A 203 11.03 13.36 2.66
C PHE A 203 11.83 14.64 2.74
N LYS B 1 -14.99 1.76 -5.10
CA LYS B 1 -14.85 0.76 -4.01
C LYS B 1 -13.46 0.94 -3.35
N ALA B 2 -13.30 0.34 -2.17
CA ALA B 2 -12.04 0.46 -1.41
C ALA B 2 -10.90 -0.22 -2.15
N ARG B 3 -9.72 0.41 -2.11
CA ARG B 3 -8.53 -0.19 -2.69
C ARG B 3 -7.51 -0.41 -1.59
N VAL B 4 -6.97 -1.63 -1.61
CA VAL B 4 -6.03 -2.05 -0.63
C VAL B 4 -4.87 -2.61 -1.44
N LEU B 5 -3.90 -1.74 -1.76
CA LEU B 5 -2.88 -2.08 -2.77
C LEU B 5 -1.57 -2.63 -2.20
N ALA B 6 -1.65 -3.52 -1.24
CA ALA B 6 -0.45 -4.29 -0.88
C ALA B 6 0.06 -5.00 -2.14
N GLU B 7 1.37 -5.14 -2.24
CA GLU B 7 2.00 -5.75 -3.42
C GLU B 7 3.38 -6.33 -3.10
N ALA B 8 3.69 -7.49 -3.69
CA ALA B 8 5.04 -8.06 -3.59
C ALA B 8 5.26 -9.01 -4.75
N MET B 9 6.51 -9.17 -5.17
CA MET B 9 6.83 -10.00 -6.31
C MET B 9 6.75 -11.48 -5.95
C1 GOL C . 13.06 11.23 -19.17
O1 GOL C . 13.03 12.63 -19.50
C2 GOL C . 12.19 10.98 -17.96
O2 GOL C . 10.99 11.77 -18.04
C3 GOL C . 12.98 11.29 -16.68
O3 GOL C . 12.18 11.11 -15.51
C1 GOL D . 0.66 6.18 -22.99
O1 GOL D . 1.37 6.55 -21.79
C2 GOL D . 1.03 4.74 -23.35
O2 GOL D . 2.45 4.62 -23.49
C3 GOL D . 0.40 4.26 -24.65
O3 GOL D . 0.16 2.84 -24.64
C1 GOL E . -9.10 6.25 4.97
O1 GOL E . -10.07 5.72 4.06
C2 GOL E . -8.94 7.77 4.91
O2 GOL E . -9.57 8.35 3.76
C3 GOL E . -9.47 8.40 6.21
O3 GOL E . -9.44 9.83 6.10
C1 BME F . 11.45 -6.34 3.16
C2 BME F . 11.13 -7.76 3.47
O1 BME F . 11.69 -6.15 1.75
S2 BME F . 10.91 -7.97 5.25
#